data_2I2L
#
_entry.id   2I2L
#
_cell.length_a   99.521
_cell.length_b   99.521
_cell.length_c   87.430
_cell.angle_alpha   90.00
_cell.angle_beta   90.00
_cell.angle_gamma   120.00
#
_symmetry.space_group_name_H-M   'P 32 2 1'
#
loop_
_entity.id
_entity.type
_entity.pdbx_description
1 polymer 'YopX protein'
2 water water
#
_entity_poly.entity_id   1
_entity_poly.type   'polypeptide(L)'
_entity_poly.pdbx_seq_one_letter_code
;(MSE)NTAYRVWDGEQ(MSE)HYWDDEGLSLIIKSNGDWTLKRLYTDVLVPVVDSTNRNAAL(MSE)WGAKVRGKFIYDR
SIVKITSDDKESSDVCEVKFSDGVFQVDVSKISADYDVTAVGWVEYATIEVIGDVYQNPELLEGVKLEHHHHHH
;
_entity_poly.pdbx_strand_id   A,B,C
#
# COMPACT_ATOMS: atom_id res chain seq x y z
N MSE A 1 -9.86 -11.30 -9.44
CA MSE A 1 -8.60 -11.53 -10.19
C MSE A 1 -8.35 -10.46 -11.26
O MSE A 1 -9.18 -10.25 -12.15
CB MSE A 1 -8.63 -12.90 -10.86
CG MSE A 1 -7.37 -13.19 -11.64
SE MSE A 1 -7.68 -14.43 -13.10
CE MSE A 1 -8.02 -13.15 -14.50
N ASN A 2 -7.19 -9.82 -11.18
CA ASN A 2 -6.82 -8.78 -12.14
C ASN A 2 -5.69 -9.35 -12.97
N THR A 3 -6.00 -10.41 -13.68
CA THR A 3 -5.01 -11.07 -14.50
C THR A 3 -5.41 -11.14 -15.96
N ALA A 4 -6.71 -11.00 -16.23
CA ALA A 4 -7.24 -11.07 -17.59
C ALA A 4 -6.57 -10.10 -18.53
N TYR A 5 -6.03 -10.63 -19.62
CA TYR A 5 -5.34 -9.83 -20.62
C TYR A 5 -5.44 -10.58 -21.94
N ARG A 6 -5.07 -9.90 -23.03
CA ARG A 6 -5.05 -10.55 -24.33
C ARG A 6 -4.01 -9.84 -25.18
N VAL A 7 -3.29 -10.61 -25.98
CA VAL A 7 -2.28 -10.03 -26.84
C VAL A 7 -2.61 -10.27 -28.29
N TRP A 8 -2.22 -9.32 -29.12
CA TRP A 8 -2.43 -9.46 -30.54
C TRP A 8 -1.03 -9.48 -31.14
N ASP A 9 -0.63 -10.66 -31.61
CA ASP A 9 0.69 -10.83 -32.19
C ASP A 9 0.75 -10.22 -33.58
N GLY A 10 -0.41 -9.97 -34.18
CA GLY A 10 -0.46 -9.37 -35.49
C GLY A 10 -1.29 -10.18 -36.47
N GLU A 11 -1.35 -11.49 -36.22
CA GLU A 11 -2.11 -12.39 -37.08
C GLU A 11 -3.33 -12.91 -36.34
N GLN A 12 -3.13 -13.24 -35.07
CA GLN A 12 -4.22 -13.77 -34.25
C GLN A 12 -4.30 -13.18 -32.84
N MSE A 13 -5.47 -13.31 -32.23
CA MSE A 13 -5.69 -12.81 -30.87
C MSE A 13 -5.30 -13.90 -29.88
O MSE A 13 -5.48 -15.09 -30.16
CB MSE A 13 -7.16 -12.44 -30.68
CG MSE A 13 -7.42 -11.67 -29.40
SE MSE A 13 -6.48 -9.99 -29.46
CE MSE A 13 -7.93 -8.82 -29.97
N HIS A 14 -4.77 -13.49 -28.74
CA HIS A 14 -4.37 -14.43 -27.69
C HIS A 14 -4.99 -14.08 -26.35
N TYR A 15 -5.74 -15.01 -25.78
CA TYR A 15 -6.37 -14.80 -24.49
C TYR A 15 -5.56 -15.47 -23.38
N TRP A 16 -5.38 -14.72 -22.29
CA TRP A 16 -4.63 -15.17 -21.11
C TRP A 16 -4.87 -16.62 -20.68
N ASP A 17 -6.12 -17.07 -20.73
CA ASP A 17 -6.45 -18.43 -20.33
C ASP A 17 -6.13 -19.52 -21.35
N ASP A 18 -5.78 -19.11 -22.56
CA ASP A 18 -5.40 -20.06 -23.61
C ASP A 18 -4.40 -21.03 -22.97
N GLU A 19 -4.46 -22.30 -23.32
CA GLU A 19 -3.54 -23.26 -22.75
C GLU A 19 -2.09 -22.90 -23.09
N GLY A 20 -1.19 -23.07 -22.11
CA GLY A 20 0.22 -22.80 -22.30
C GLY A 20 0.74 -21.36 -22.27
N LEU A 21 -0.10 -20.40 -22.63
CA LEU A 21 0.36 -19.02 -22.63
C LEU A 21 0.68 -18.52 -21.23
N SER A 22 1.66 -17.62 -21.18
CA SER A 22 2.08 -17.00 -19.95
C SER A 22 2.64 -15.65 -20.39
N LEU A 23 2.20 -14.59 -19.71
CA LEU A 23 2.67 -13.26 -20.02
C LEU A 23 3.82 -12.90 -19.08
N ILE A 24 4.83 -12.23 -19.62
CA ILE A 24 5.96 -11.85 -18.79
C ILE A 24 6.31 -10.37 -18.98
N ILE A 25 6.06 -9.58 -17.93
CA ILE A 25 6.36 -8.17 -17.94
C ILE A 25 7.75 -7.97 -17.36
N LYS A 26 8.62 -7.23 -18.05
CA LYS A 26 9.97 -7.02 -17.54
C LYS A 26 10.22 -5.67 -16.85
N SER A 27 11.27 -5.65 -16.04
CA SER A 27 11.68 -4.47 -15.26
C SER A 27 11.77 -3.19 -16.07
N ASN A 28 11.99 -3.32 -17.36
CA ASN A 28 12.11 -2.14 -18.23
C ASN A 28 10.78 -1.83 -18.91
N GLY A 29 9.70 -2.41 -18.39
CA GLY A 29 8.38 -2.15 -18.95
C GLY A 29 8.02 -2.99 -20.15
N ASP A 30 9.00 -3.67 -20.75
CA ASP A 30 8.73 -4.51 -21.90
C ASP A 30 7.87 -5.70 -21.48
N TRP A 31 7.14 -6.26 -22.44
CA TRP A 31 6.33 -7.44 -22.17
C TRP A 31 6.65 -8.50 -23.22
N THR A 32 6.26 -9.74 -22.96
CA THR A 32 6.54 -10.83 -23.89
C THR A 32 5.58 -11.97 -23.68
N LEU A 33 4.84 -12.34 -24.71
CA LEU A 33 3.89 -13.44 -24.59
C LEU A 33 4.63 -14.75 -24.84
N LYS A 34 4.51 -15.71 -23.93
CA LYS A 34 5.19 -17.00 -24.08
C LYS A 34 4.27 -18.20 -24.01
N ARG A 35 4.57 -19.18 -24.86
CA ARG A 35 3.79 -20.41 -24.94
C ARG A 35 4.66 -21.57 -24.48
N LEU A 36 4.02 -22.61 -23.95
CA LEU A 36 4.75 -23.79 -23.49
C LEU A 36 4.46 -24.97 -24.41
N TYR A 37 5.42 -25.27 -25.29
CA TYR A 37 5.27 -26.38 -26.24
C TYR A 37 5.55 -27.72 -25.58
N THR A 38 6.82 -28.02 -25.35
CA THR A 38 7.18 -29.28 -24.70
C THR A 38 7.48 -28.93 -23.25
N ASP A 39 8.76 -28.74 -22.95
CA ASP A 39 9.20 -28.35 -21.62
C ASP A 39 9.99 -27.08 -21.90
N VAL A 40 9.69 -26.49 -23.04
CA VAL A 40 10.36 -25.30 -23.53
C VAL A 40 9.37 -24.13 -23.66
N LEU A 41 9.76 -22.97 -23.16
CA LEU A 41 8.90 -21.78 -23.27
C LEU A 41 9.24 -21.10 -24.59
N VAL A 42 8.23 -20.94 -25.45
CA VAL A 42 8.46 -20.33 -26.75
C VAL A 42 7.89 -18.94 -26.94
N PRO A 43 8.72 -18.00 -27.41
CA PRO A 43 8.33 -16.61 -27.66
C PRO A 43 7.35 -16.53 -28.83
N VAL A 44 6.10 -16.17 -28.52
CA VAL A 44 5.06 -16.07 -29.52
C VAL A 44 5.12 -14.68 -30.18
N VAL A 45 5.09 -13.63 -29.38
CA VAL A 45 5.22 -12.29 -29.91
C VAL A 45 5.89 -11.49 -28.80
N ASP A 46 6.19 -10.22 -29.05
CA ASP A 46 6.89 -9.41 -28.07
C ASP A 46 6.72 -7.92 -28.27
N SER A 47 6.64 -7.17 -27.17
CA SER A 47 6.44 -5.72 -27.21
C SER A 47 7.35 -4.91 -28.15
N THR A 48 8.56 -5.38 -28.47
CA THR A 48 9.40 -4.59 -29.35
C THR A 48 8.82 -4.63 -30.76
N ASN A 49 7.85 -5.52 -30.98
CA ASN A 49 7.17 -5.64 -32.27
C ASN A 49 6.07 -4.58 -32.31
N ARG A 50 6.38 -3.41 -32.86
CA ARG A 50 5.42 -2.31 -32.93
C ARG A 50 4.07 -2.62 -33.56
N ASN A 51 3.90 -3.81 -34.11
CA ASN A 51 2.62 -4.16 -34.71
C ASN A 51 1.75 -4.87 -33.69
N ALA A 52 2.40 -5.46 -32.69
CA ALA A 52 1.69 -6.22 -31.67
C ALA A 52 1.01 -5.31 -30.65
N ALA A 53 0.16 -5.91 -29.82
CA ALA A 53 -0.57 -5.16 -28.79
C ALA A 53 -0.98 -6.01 -27.57
N LEU A 54 -0.95 -5.37 -26.39
CA LEU A 54 -1.35 -6.00 -25.14
C LEU A 54 -2.56 -5.22 -24.59
N MSE A 55 -3.68 -5.91 -24.36
CA MSE A 55 -4.90 -5.30 -23.83
C MSE A 55 -5.33 -5.96 -22.52
O MSE A 55 -5.41 -7.19 -22.43
CB MSE A 55 -6.04 -5.43 -24.83
CG MSE A 55 -5.86 -4.63 -26.12
SE MSE A 55 -6.36 -5.70 -27.65
CE MSE A 55 -8.17 -5.15 -27.89
N TRP A 56 -5.61 -5.15 -21.51
CA TRP A 56 -6.02 -5.72 -20.25
C TRP A 56 -7.54 -5.89 -20.18
N GLY A 57 -7.95 -6.82 -19.33
CA GLY A 57 -9.36 -7.08 -19.16
C GLY A 57 -9.87 -6.55 -17.84
N ALA A 58 -11.07 -6.00 -17.86
CA ALA A 58 -11.67 -5.50 -16.64
C ALA A 58 -12.85 -6.42 -16.35
N LYS A 59 -13.02 -6.79 -15.10
CA LYS A 59 -14.17 -7.59 -14.77
C LYS A 59 -15.26 -6.54 -14.53
N VAL A 60 -16.35 -6.67 -15.27
CA VAL A 60 -17.46 -5.74 -15.17
C VAL A 60 -18.66 -6.38 -15.87
N ARG A 61 -19.78 -6.44 -15.14
CA ARG A 61 -21.00 -7.07 -15.64
C ARG A 61 -20.73 -8.56 -15.59
N GLY A 62 -19.90 -8.97 -14.64
CA GLY A 62 -19.54 -10.37 -14.48
C GLY A 62 -18.71 -10.89 -15.63
N LYS A 63 -18.49 -10.04 -16.62
CA LYS A 63 -17.70 -10.40 -17.79
C LYS A 63 -16.32 -9.74 -17.76
N PHE A 64 -15.61 -9.86 -18.88
CA PHE A 64 -14.29 -9.29 -19.06
C PHE A 64 -14.35 -8.56 -20.40
N ILE A 65 -14.04 -7.28 -20.40
CA ILE A 65 -14.00 -6.53 -21.67
C ILE A 65 -12.53 -6.17 -21.76
N TYR A 66 -12.06 -5.71 -22.91
CA TYR A 66 -10.64 -5.40 -23.05
C TYR A 66 -10.28 -4.11 -23.80
N ASP A 67 -10.63 -4.05 -25.09
CA ASP A 67 -10.36 -2.90 -25.95
C ASP A 67 -11.20 -3.15 -27.20
N ARG A 68 -12.38 -3.69 -26.93
CA ARG A 68 -13.34 -4.07 -27.95
C ARG A 68 -14.18 -2.95 -28.56
N SER A 69 -15.03 -3.36 -29.51
CA SER A 69 -15.98 -2.47 -30.16
C SER A 69 -17.24 -3.03 -29.51
N ILE A 70 -18.19 -2.17 -29.16
CA ILE A 70 -19.41 -2.68 -28.55
C ILE A 70 -20.63 -1.94 -29.07
N VAL A 71 -21.80 -2.55 -28.89
CA VAL A 71 -23.05 -1.93 -29.33
C VAL A 71 -23.78 -1.48 -28.08
N LYS A 72 -23.87 -0.16 -27.88
CA LYS A 72 -24.58 0.39 -26.73
C LYS A 72 -26.00 0.77 -27.15
N ILE A 73 -26.95 -0.12 -26.84
CA ILE A 73 -28.35 0.10 -27.18
C ILE A 73 -29.14 0.53 -25.94
N THR A 74 -29.78 1.68 -26.03
CA THR A 74 -30.56 2.22 -24.92
C THR A 74 -31.55 1.18 -24.40
N SER A 75 -31.71 1.12 -23.09
CA SER A 75 -32.65 0.17 -22.50
C SER A 75 -34.06 0.61 -22.88
N ASP A 76 -34.21 1.90 -23.17
CA ASP A 76 -35.51 2.43 -23.56
C ASP A 76 -36.07 1.69 -24.78
N ASP A 77 -35.79 2.17 -25.99
CA ASP A 77 -36.33 1.56 -27.22
C ASP A 77 -35.35 1.19 -28.33
N LYS A 78 -34.89 2.23 -29.03
CA LYS A 78 -33.91 2.21 -30.12
C LYS A 78 -33.51 3.67 -30.01
N GLU A 79 -33.97 4.25 -28.90
CA GLU A 79 -33.74 5.66 -28.55
C GLU A 79 -32.25 5.98 -28.59
N SER A 80 -31.44 4.94 -28.50
CA SER A 80 -30.00 5.10 -28.55
C SER A 80 -29.35 3.76 -28.83
N SER A 81 -28.32 3.81 -29.66
CA SER A 81 -27.56 2.65 -30.03
C SER A 81 -26.33 3.25 -30.67
N ASP A 82 -25.24 2.48 -30.72
CA ASP A 82 -24.02 3.00 -31.30
C ASP A 82 -22.96 1.92 -31.29
N VAL A 83 -21.86 2.22 -31.96
CA VAL A 83 -20.74 1.30 -32.00
C VAL A 83 -19.59 2.21 -31.56
N CYS A 84 -19.11 1.98 -30.35
CA CYS A 84 -18.02 2.78 -29.78
C CYS A 84 -16.94 1.86 -29.26
N GLU A 85 -15.70 2.24 -29.55
CA GLU A 85 -14.53 1.48 -29.13
C GLU A 85 -14.23 1.65 -27.64
N VAL A 86 -14.09 0.55 -26.93
CA VAL A 86 -13.79 0.58 -25.50
C VAL A 86 -12.31 0.91 -25.29
N LYS A 87 -12.05 2.02 -24.62
CA LYS A 87 -10.68 2.45 -24.37
C LYS A 87 -10.35 2.40 -22.90
N PHE A 88 -9.07 2.21 -22.60
CA PHE A 88 -8.58 2.18 -21.23
C PHE A 88 -7.67 3.41 -21.10
N SER A 89 -8.16 4.44 -20.41
CA SER A 89 -7.39 5.66 -20.25
C SER A 89 -7.76 6.37 -18.96
N ASP A 90 -6.83 7.14 -18.40
CA ASP A 90 -7.09 7.86 -17.14
C ASP A 90 -7.49 6.92 -16.01
N GLY A 91 -7.11 5.66 -16.11
CA GLY A 91 -7.45 4.72 -15.06
C GLY A 91 -8.87 4.21 -15.14
N VAL A 92 -9.48 4.29 -16.32
CA VAL A 92 -10.83 3.79 -16.47
C VAL A 92 -11.19 3.33 -17.88
N PHE A 93 -11.86 2.19 -17.96
CA PHE A 93 -12.32 1.66 -19.24
C PHE A 93 -13.55 2.49 -19.55
N GLN A 94 -13.43 3.36 -20.55
CA GLN A 94 -14.50 4.24 -20.94
C GLN A 94 -15.03 4.01 -22.35
N VAL A 95 -16.18 4.61 -22.65
CA VAL A 95 -16.81 4.50 -23.96
C VAL A 95 -17.60 5.76 -24.27
N ASP A 96 -17.74 6.08 -25.56
CA ASP A 96 -18.48 7.27 -25.95
C ASP A 96 -19.97 7.08 -25.68
N VAL A 97 -20.50 7.86 -24.77
CA VAL A 97 -21.92 7.73 -24.45
C VAL A 97 -22.78 8.90 -24.89
N SER A 98 -22.53 9.39 -26.10
CA SER A 98 -23.32 10.47 -26.68
C SER A 98 -24.48 9.74 -27.35
N LYS A 99 -25.22 9.01 -26.51
CA LYS A 99 -26.37 8.22 -26.93
C LYS A 99 -26.76 7.30 -25.77
N TYR A 104 -23.73 11.81 -20.78
CA TYR A 104 -22.42 12.44 -20.92
C TYR A 104 -21.86 12.21 -22.32
N ASP A 105 -20.52 12.12 -22.39
CA ASP A 105 -19.84 11.87 -23.64
C ASP A 105 -19.00 10.61 -23.48
N VAL A 106 -18.42 10.47 -22.28
CA VAL A 106 -17.59 9.32 -21.95
C VAL A 106 -17.95 8.88 -20.53
N THR A 107 -17.84 7.59 -20.27
CA THR A 107 -18.15 7.05 -18.95
C THR A 107 -17.65 5.61 -18.84
N ALA A 108 -17.44 5.16 -17.61
CA ALA A 108 -16.98 3.79 -17.41
C ALA A 108 -17.95 2.88 -18.12
N VAL A 109 -17.46 1.79 -18.69
CA VAL A 109 -18.34 0.84 -19.37
C VAL A 109 -19.19 0.12 -18.34
N GLY A 110 -18.70 0.05 -17.11
CA GLY A 110 -19.44 -0.61 -16.04
C GLY A 110 -20.37 0.34 -15.32
N TRP A 111 -20.43 1.57 -15.81
CA TRP A 111 -21.29 2.61 -15.23
C TRP A 111 -22.36 3.05 -16.23
N VAL A 112 -22.48 2.34 -17.34
CA VAL A 112 -23.49 2.68 -18.33
C VAL A 112 -24.78 2.47 -17.55
N GLU A 113 -25.53 3.55 -17.36
CA GLU A 113 -26.77 3.50 -16.60
C GLU A 113 -27.98 2.93 -17.35
N TYR A 114 -28.60 3.76 -18.18
CA TYR A 114 -29.80 3.34 -18.91
C TYR A 114 -29.54 2.63 -20.23
N ALA A 115 -28.51 1.79 -20.26
CA ALA A 115 -28.19 1.06 -21.49
C ALA A 115 -27.69 -0.36 -21.26
N THR A 116 -27.63 -1.12 -22.34
CA THR A 116 -27.16 -2.50 -22.30
C THR A 116 -26.00 -2.56 -23.30
N ILE A 117 -24.84 -3.03 -22.84
CA ILE A 117 -23.67 -3.10 -23.70
C ILE A 117 -23.36 -4.53 -24.13
N GLU A 118 -23.12 -4.70 -25.42
CA GLU A 118 -22.83 -6.01 -26.00
C GLU A 118 -21.57 -5.99 -26.85
N VAL A 119 -20.57 -6.80 -26.48
CA VAL A 119 -19.33 -6.85 -27.24
C VAL A 119 -19.57 -7.49 -28.59
N ILE A 120 -19.09 -6.86 -29.66
CA ILE A 120 -19.27 -7.42 -31.01
C ILE A 120 -17.93 -7.67 -31.73
N GLY A 121 -16.85 -7.19 -31.13
CA GLY A 121 -15.53 -7.38 -31.74
C GLY A 121 -14.43 -6.57 -31.09
N ASP A 122 -13.42 -6.22 -31.89
CA ASP A 122 -12.29 -5.42 -31.45
C ASP A 122 -11.64 -4.70 -32.62
N VAL A 123 -11.07 -3.53 -32.32
CA VAL A 123 -10.41 -2.71 -33.32
C VAL A 123 -9.42 -3.50 -34.17
N TYR A 124 -8.80 -4.54 -33.61
CA TYR A 124 -7.85 -5.30 -34.42
C TYR A 124 -8.51 -6.18 -35.46
N GLN A 125 -9.38 -7.10 -35.01
CA GLN A 125 -10.06 -8.02 -35.91
C GLN A 125 -11.30 -7.48 -36.66
N ASN A 126 -11.71 -6.25 -36.36
CA ASN A 126 -12.86 -5.66 -37.02
C ASN A 126 -12.61 -4.18 -37.26
N PRO A 127 -11.44 -3.83 -37.81
CA PRO A 127 -11.07 -2.45 -38.09
C PRO A 127 -12.15 -1.61 -38.75
N GLU A 128 -12.99 -2.28 -39.54
CA GLU A 128 -14.07 -1.62 -40.27
C GLU A 128 -15.38 -1.44 -39.52
N LEU A 129 -15.60 -2.21 -38.47
CA LEU A 129 -16.86 -2.11 -37.73
C LEU A 129 -17.27 -0.74 -37.21
N LEU A 130 -16.31 0.15 -37.02
CA LEU A 130 -16.67 1.48 -36.53
C LEU A 130 -17.28 2.39 -37.59
N GLU A 131 -18.27 1.89 -38.35
CA GLU A 131 -18.93 2.73 -39.36
C GLU A 131 -20.19 2.24 -40.06
N GLY A 132 -20.90 3.18 -40.66
CA GLY A 132 -22.12 2.92 -41.41
C GLY A 132 -23.24 2.09 -40.82
N VAL A 133 -23.85 2.57 -39.72
CA VAL A 133 -24.96 1.84 -39.09
C VAL A 133 -26.23 1.96 -39.93
N LYS A 134 -27.29 1.28 -39.51
CA LYS A 134 -28.54 1.31 -40.25
C LYS A 134 -29.67 0.58 -39.53
N MSE B 1 3.02 2.84 -21.81
CA MSE B 1 3.32 1.40 -21.52
C MSE B 1 2.39 0.85 -20.44
O MSE B 1 2.56 1.12 -19.25
CB MSE B 1 4.78 1.25 -21.08
N ASN B 2 1.39 0.09 -20.89
CA ASN B 2 0.42 -0.55 -20.00
C ASN B 2 1.20 -1.63 -19.26
N THR B 3 1.93 -1.24 -18.23
CA THR B 3 2.73 -2.24 -17.55
C THR B 3 2.98 -2.02 -16.07
N ALA B 4 2.82 -0.79 -15.61
CA ALA B 4 3.05 -0.47 -14.19
C ALA B 4 2.27 -1.36 -13.22
N TYR B 5 3.00 -1.87 -12.23
CA TYR B 5 2.40 -2.70 -11.19
C TYR B 5 3.35 -2.68 -10.01
N ARG B 6 2.87 -3.18 -8.87
CA ARG B 6 3.64 -3.28 -7.64
C ARG B 6 3.09 -4.49 -6.89
N VAL B 7 3.97 -5.25 -6.24
CA VAL B 7 3.52 -6.39 -5.47
C VAL B 7 3.99 -6.31 -4.04
N TRP B 8 3.06 -6.60 -3.14
CA TRP B 8 3.34 -6.61 -1.71
C TRP B 8 3.59 -8.10 -1.47
N ASP B 9 4.79 -8.45 -1.00
CA ASP B 9 5.13 -9.84 -0.77
C ASP B 9 4.92 -10.24 0.68
N GLY B 10 4.26 -9.38 1.46
CA GLY B 10 4.01 -9.67 2.85
C GLY B 10 4.82 -8.80 3.80
N GLU B 11 6.07 -8.54 3.44
CA GLU B 11 6.95 -7.73 4.28
C GLU B 11 7.32 -6.41 3.60
N GLN B 12 7.59 -6.45 2.29
CA GLN B 12 7.97 -5.25 1.58
C GLN B 12 7.25 -5.05 0.25
N MSE B 13 7.27 -3.82 -0.25
CA MSE B 13 6.61 -3.48 -1.52
C MSE B 13 7.62 -3.53 -2.68
O MSE B 13 8.74 -3.06 -2.54
CB MSE B 13 6.01 -2.07 -1.42
CG MSE B 13 5.12 -1.71 -2.60
SE MSE B 13 3.44 -2.66 -2.61
CE MSE B 13 2.38 -1.39 -1.61
N HIS B 14 7.19 -4.11 -3.79
CA HIS B 14 8.05 -4.22 -4.97
C HIS B 14 7.43 -3.49 -6.16
N TYR B 15 8.21 -2.60 -6.78
CA TYR B 15 7.73 -1.86 -7.95
C TYR B 15 8.35 -2.44 -9.22
N TRP B 16 7.56 -2.47 -10.29
CA TRP B 16 7.95 -3.01 -11.59
C TRP B 16 9.31 -2.56 -12.11
N ASP B 17 9.65 -1.30 -11.85
CA ASP B 17 10.92 -0.76 -12.32
C ASP B 17 12.15 -1.22 -11.52
N ASP B 18 11.97 -1.79 -10.33
CA ASP B 18 13.11 -2.26 -9.53
C ASP B 18 13.98 -3.22 -10.35
N GLU B 19 15.29 -3.07 -10.27
CA GLU B 19 16.20 -3.92 -11.03
C GLU B 19 15.91 -5.44 -10.95
N GLY B 20 15.83 -6.07 -12.12
CA GLY B 20 15.62 -7.51 -12.22
C GLY B 20 14.27 -8.14 -11.91
N LEU B 21 13.25 -7.35 -11.57
CA LEU B 21 11.95 -7.95 -11.27
C LEU B 21 11.15 -8.23 -12.51
N SER B 22 10.63 -9.45 -12.60
CA SER B 22 9.80 -9.79 -13.74
C SER B 22 8.52 -10.45 -13.22
N LEU B 23 7.38 -9.89 -13.59
CA LEU B 23 6.08 -10.42 -13.18
C LEU B 23 5.62 -11.48 -14.19
N ILE B 24 5.20 -12.63 -13.68
CA ILE B 24 4.76 -13.71 -14.56
C ILE B 24 3.31 -14.11 -14.37
N ILE B 25 2.50 -13.88 -15.39
CA ILE B 25 1.08 -14.25 -15.33
C ILE B 25 0.90 -15.61 -16.00
N LYS B 26 0.41 -16.59 -15.25
CA LYS B 26 0.20 -17.91 -15.83
C LYS B 26 -1.21 -18.08 -16.40
N SER B 27 -1.38 -19.13 -17.19
CA SER B 27 -2.66 -19.43 -17.82
C SER B 27 -3.81 -19.66 -16.85
N ASN B 28 -3.50 -20.17 -15.67
CA ASN B 28 -4.55 -20.42 -14.70
C ASN B 28 -4.90 -19.13 -13.97
N GLY B 29 -4.28 -18.04 -14.41
CA GLY B 29 -4.55 -16.75 -13.80
C GLY B 29 -3.63 -16.41 -12.66
N ASP B 30 -2.78 -17.36 -12.26
CA ASP B 30 -1.86 -17.11 -11.16
C ASP B 30 -0.75 -16.20 -11.65
N TRP B 31 -0.07 -15.56 -10.71
CA TRP B 31 1.04 -14.70 -11.05
C TRP B 31 2.21 -15.03 -10.13
N THR B 32 3.40 -14.62 -10.53
CA THR B 32 4.60 -14.88 -9.73
C THR B 32 5.64 -13.80 -9.93
N LEU B 33 6.09 -13.19 -8.85
CA LEU B 33 7.09 -12.17 -8.98
C LEU B 33 8.46 -12.84 -8.99
N LYS B 34 9.17 -12.76 -10.11
CA LYS B 34 10.50 -13.34 -10.22
C LYS B 34 11.53 -12.22 -10.13
N ARG B 35 12.79 -12.58 -9.91
CA ARG B 35 13.88 -11.63 -9.82
C ARG B 35 15.17 -12.29 -10.32
N LEU B 36 15.82 -11.65 -11.27
CA LEU B 36 17.05 -12.18 -11.85
C LEU B 36 18.26 -11.72 -11.03
N TYR B 37 18.98 -12.68 -10.47
CA TYR B 37 20.15 -12.43 -9.62
C TYR B 37 21.42 -12.19 -10.46
N THR B 38 22.09 -13.27 -10.83
CA THR B 38 23.26 -13.19 -11.68
C THR B 38 22.55 -13.27 -13.03
N ASP B 39 22.24 -14.49 -13.46
CA ASP B 39 21.45 -14.70 -14.67
C ASP B 39 20.53 -15.87 -14.37
N VAL B 40 20.20 -16.00 -13.08
CA VAL B 40 19.30 -17.05 -12.60
C VAL B 40 18.00 -16.43 -12.09
N LEU B 41 16.88 -16.85 -12.68
CA LEU B 41 15.57 -16.35 -12.29
C LEU B 41 15.18 -16.90 -10.93
N VAL B 42 15.05 -16.03 -9.94
CA VAL B 42 14.72 -16.46 -8.58
C VAL B 42 13.41 -15.87 -8.08
N PRO B 43 12.45 -16.74 -7.71
CA PRO B 43 11.15 -16.27 -7.20
C PRO B 43 11.18 -15.41 -5.93
N VAL B 44 10.26 -14.45 -5.88
CA VAL B 44 10.12 -13.51 -4.77
C VAL B 44 8.80 -13.79 -4.05
N VAL B 45 7.72 -13.91 -4.83
CA VAL B 45 6.41 -14.20 -4.28
C VAL B 45 5.45 -14.74 -5.33
N ASP B 46 4.40 -15.37 -4.85
CA ASP B 46 3.36 -15.97 -5.68
C ASP B 46 2.02 -15.40 -5.34
N SER B 47 1.01 -15.83 -6.07
CA SER B 47 -0.35 -15.40 -5.83
C SER B 47 -0.85 -16.35 -4.75
N THR B 48 -0.09 -17.44 -4.54
CA THR B 48 -0.43 -18.46 -3.56
C THR B 48 -0.38 -17.88 -2.15
N ASN B 49 0.67 -17.12 -1.86
CA ASN B 49 0.82 -16.49 -0.56
C ASN B 49 -0.32 -15.47 -0.46
N ARG B 50 -1.39 -15.84 0.24
CA ARG B 50 -2.56 -14.98 0.36
C ARG B 50 -2.28 -13.66 1.11
N ASN B 51 -1.06 -13.48 1.58
CA ASN B 51 -0.69 -12.24 2.28
C ASN B 51 -0.36 -11.22 1.20
N ALA B 52 0.44 -11.67 0.24
CA ALA B 52 0.91 -10.86 -0.90
C ALA B 52 -0.22 -10.42 -1.81
N ALA B 53 0.00 -9.31 -2.53
CA ALA B 53 -1.01 -8.78 -3.43
C ALA B 53 -0.44 -8.07 -4.67
N LEU B 54 -1.08 -8.31 -5.81
CA LEU B 54 -0.70 -7.69 -7.09
C LEU B 54 -1.57 -6.45 -7.30
N MSE B 55 -0.94 -5.28 -7.44
CA MSE B 55 -1.65 -4.02 -7.67
C MSE B 55 -1.20 -3.32 -8.97
O MSE B 55 -0.02 -2.96 -9.13
CB MSE B 55 -1.45 -3.08 -6.49
CG MSE B 55 -1.97 -3.64 -5.17
SE MSE B 55 -0.91 -2.93 -3.71
CE MSE B 55 0.62 -4.09 -3.92
N TRP B 56 -2.13 -3.12 -9.89
CA TRP B 56 -1.82 -2.46 -11.15
C TRP B 56 -1.81 -0.95 -11.01
N GLY B 57 -1.14 -0.31 -11.97
CA GLY B 57 -1.08 1.14 -11.95
C GLY B 57 -1.73 1.72 -13.17
N ALA B 58 -2.18 2.97 -13.06
CA ALA B 58 -2.80 3.68 -14.15
C ALA B 58 -2.14 5.06 -14.19
N LYS B 59 -1.92 5.59 -15.39
CA LYS B 59 -1.33 6.89 -15.47
C LYS B 59 -2.49 7.91 -15.51
N VAL B 60 -2.52 8.82 -14.55
CA VAL B 60 -3.56 9.84 -14.50
C VAL B 60 -2.86 11.09 -13.99
N ARG B 61 -3.10 12.21 -14.68
CA ARG B 61 -2.49 13.48 -14.29
C ARG B 61 -0.97 13.36 -14.28
N GLY B 62 -0.43 12.64 -15.26
CA GLY B 62 1.00 12.46 -15.36
C GLY B 62 1.58 11.40 -14.44
N LYS B 63 1.07 11.32 -13.23
CA LYS B 63 1.57 10.34 -12.27
C LYS B 63 0.88 8.98 -12.48
N PHE B 64 1.55 7.92 -12.04
CA PHE B 64 1.01 6.56 -12.11
C PHE B 64 0.41 6.31 -10.72
N ILE B 65 -0.80 5.77 -10.67
CA ILE B 65 -1.44 5.53 -9.38
C ILE B 65 -1.85 4.06 -9.31
N TYR B 66 -1.51 3.40 -8.20
CA TYR B 66 -1.83 1.98 -7.97
C TYR B 66 -3.04 1.88 -7.02
N ASP B 67 -3.04 0.96 -6.05
CA ASP B 67 -4.19 0.87 -5.13
C ASP B 67 -3.91 1.36 -3.72
N ARG B 68 -3.50 2.63 -3.63
CA ARG B 68 -3.12 3.28 -2.38
C ARG B 68 -4.12 4.24 -1.72
N SER B 69 -3.65 4.92 -0.68
CA SER B 69 -4.44 5.90 0.08
C SER B 69 -4.08 7.31 -0.40
N ILE B 70 -5.07 8.17 -0.59
CA ILE B 70 -4.79 9.53 -1.03
C ILE B 70 -5.64 10.51 -0.25
N VAL B 71 -5.22 11.77 -0.23
CA VAL B 71 -5.97 12.80 0.47
C VAL B 71 -6.58 13.79 -0.52
N LYS B 72 -7.87 13.63 -0.79
CA LYS B 72 -8.57 14.53 -1.70
C LYS B 72 -8.85 15.85 -0.97
N ILE B 73 -8.27 16.94 -1.48
CA ILE B 73 -8.46 18.27 -0.90
C ILE B 73 -9.04 19.21 -1.96
N THR B 74 -10.17 19.82 -1.64
CA THR B 74 -10.86 20.73 -2.54
C THR B 74 -9.95 21.81 -3.14
N SER B 75 -10.02 21.98 -4.46
CA SER B 75 -9.24 23.00 -5.13
C SER B 75 -9.74 24.36 -4.64
N ASP B 76 -10.92 24.35 -4.05
CA ASP B 76 -11.53 25.56 -3.50
C ASP B 76 -11.06 25.74 -2.06
N ASP B 77 -11.98 26.05 -1.17
CA ASP B 77 -11.63 26.22 0.24
C ASP B 77 -11.40 24.83 0.84
N LYS B 78 -10.67 24.77 1.93
CA LYS B 78 -10.39 23.49 2.59
C LYS B 78 -11.65 22.94 3.27
N GLU B 79 -12.82 23.39 2.79
CA GLU B 79 -14.08 22.94 3.34
C GLU B 79 -14.46 21.61 2.69
N SER B 80 -13.43 20.82 2.41
CA SER B 80 -13.61 19.51 1.78
C SER B 80 -12.26 18.82 1.69
N SER B 81 -12.08 17.81 2.52
CA SER B 81 -10.85 17.03 2.54
C SER B 81 -11.24 15.65 2.99
N ASP B 82 -10.38 14.67 2.73
CA ASP B 82 -10.65 13.29 3.15
C ASP B 82 -9.52 12.36 2.72
N VAL B 83 -9.20 11.40 3.57
CA VAL B 83 -8.17 10.43 3.27
C VAL B 83 -8.98 9.27 2.70
N CYS B 84 -8.78 8.94 1.43
CA CYS B 84 -9.54 7.87 0.80
C CYS B 84 -8.68 6.84 0.09
N GLU B 85 -9.13 5.60 0.12
CA GLU B 85 -8.42 4.50 -0.53
C GLU B 85 -8.86 4.30 -1.97
N VAL B 86 -7.88 4.17 -2.86
CA VAL B 86 -8.13 3.97 -4.28
C VAL B 86 -8.28 2.46 -4.52
N LYS B 87 -9.48 2.07 -4.92
CA LYS B 87 -9.79 0.67 -5.20
C LYS B 87 -9.97 0.53 -6.71
N PHE B 88 -9.48 -0.56 -7.26
CA PHE B 88 -9.65 -0.79 -8.69
C PHE B 88 -10.72 -1.85 -8.83
N SER B 89 -11.94 -1.38 -9.10
CA SER B 89 -13.10 -2.26 -9.24
C SER B 89 -14.01 -1.84 -10.40
N ASP B 90 -14.56 -2.82 -11.11
CA ASP B 90 -15.47 -2.57 -12.24
C ASP B 90 -14.84 -1.85 -13.42
N GLY B 91 -13.54 -2.02 -13.61
CA GLY B 91 -12.87 -1.39 -14.72
C GLY B 91 -12.53 0.07 -14.51
N VAL B 92 -12.61 0.53 -13.27
CA VAL B 92 -12.28 1.91 -13.00
C VAL B 92 -11.62 2.10 -11.64
N PHE B 93 -10.58 2.91 -11.64
CA PHE B 93 -9.83 3.26 -10.43
C PHE B 93 -10.69 4.30 -9.75
N GLN B 94 -11.66 3.85 -8.97
CA GLN B 94 -12.55 4.76 -8.27
C GLN B 94 -12.01 5.14 -6.89
N VAL B 95 -12.52 6.25 -6.37
CA VAL B 95 -12.11 6.76 -5.07
C VAL B 95 -13.30 7.49 -4.47
N ASP B 96 -13.51 7.32 -3.15
CA ASP B 96 -14.64 7.97 -2.49
C ASP B 96 -14.52 9.48 -2.54
N VAL B 97 -15.59 10.14 -2.97
CA VAL B 97 -15.60 11.59 -3.04
C VAL B 97 -16.75 12.12 -2.18
N SER B 98 -17.43 11.21 -1.51
CA SER B 98 -18.57 11.54 -0.65
C SER B 98 -18.37 12.80 0.18
N LYS B 99 -17.14 13.19 0.45
CA LYS B 99 -16.88 14.39 1.24
C LYS B 99 -15.86 15.31 0.56
N ASP B 103 -22.06 16.02 -4.95
CA ASP B 103 -23.17 15.24 -5.51
C ASP B 103 -22.69 13.92 -6.13
N TYR B 104 -21.55 13.43 -5.64
CA TYR B 104 -20.97 12.16 -6.10
C TYR B 104 -20.48 11.34 -4.91
N ASP B 105 -20.76 10.04 -4.91
CA ASP B 105 -20.30 9.19 -3.82
C ASP B 105 -18.88 8.72 -4.11
N VAL B 106 -18.71 8.15 -5.30
CA VAL B 106 -17.42 7.66 -5.77
C VAL B 106 -17.29 8.08 -7.21
N THR B 107 -16.05 8.20 -7.68
CA THR B 107 -15.82 8.58 -9.05
C THR B 107 -14.44 8.10 -9.48
N ALA B 108 -14.13 8.22 -10.76
CA ALA B 108 -12.82 7.81 -11.26
C ALA B 108 -11.80 8.78 -10.72
N VAL B 109 -10.69 8.28 -10.17
CA VAL B 109 -9.66 9.14 -9.64
C VAL B 109 -9.16 10.13 -10.68
N GLY B 110 -9.16 9.75 -11.95
CA GLY B 110 -8.71 10.66 -12.98
C GLY B 110 -9.82 11.60 -13.43
N TRP B 111 -10.97 11.50 -12.77
CA TRP B 111 -12.11 12.34 -13.11
C TRP B 111 -12.50 13.25 -11.97
N VAL B 112 -11.65 13.31 -10.93
CA VAL B 112 -11.92 14.19 -9.80
C VAL B 112 -11.87 15.60 -10.39
N GLU B 113 -12.98 16.33 -10.26
CA GLU B 113 -13.07 17.66 -10.85
C GLU B 113 -12.65 18.89 -10.05
N TYR B 114 -13.30 19.13 -8.91
CA TYR B 114 -13.04 20.32 -8.10
C TYR B 114 -11.94 20.27 -7.03
N ALA B 115 -11.24 19.15 -6.90
CA ALA B 115 -10.21 19.05 -5.86
C ALA B 115 -8.87 18.54 -6.37
N THR B 116 -7.96 18.28 -5.43
CA THR B 116 -6.64 17.76 -5.75
C THR B 116 -6.44 16.40 -5.06
N ILE B 117 -5.60 15.58 -5.64
CA ILE B 117 -5.32 14.27 -5.08
C ILE B 117 -3.85 14.17 -4.77
N GLU B 118 -3.52 13.60 -3.63
CA GLU B 118 -2.14 13.48 -3.19
C GLU B 118 -1.93 12.14 -2.50
N VAL B 119 -1.15 11.26 -3.14
CA VAL B 119 -0.89 9.95 -2.54
C VAL B 119 -0.02 10.17 -1.32
N ILE B 120 -0.31 9.44 -0.24
CA ILE B 120 0.46 9.55 0.99
C ILE B 120 0.84 8.18 1.52
N GLY B 121 0.41 7.14 0.83
CA GLY B 121 0.73 5.79 1.24
C GLY B 121 -0.22 4.77 0.64
N ASP B 122 -0.17 3.54 1.13
CA ASP B 122 -1.05 2.48 0.65
C ASP B 122 -1.61 1.65 1.79
N VAL B 123 -2.62 0.85 1.48
CA VAL B 123 -3.28 0.01 2.46
C VAL B 123 -2.36 -1.01 3.12
N TYR B 124 -1.29 -1.40 2.41
CA TYR B 124 -0.39 -2.40 2.98
C TYR B 124 0.71 -1.89 3.90
N GLN B 125 1.30 -0.75 3.58
CA GLN B 125 2.36 -0.22 4.44
C GLN B 125 1.87 0.87 5.39
N ASN B 126 0.62 1.29 5.22
CA ASN B 126 0.09 2.35 6.07
C ASN B 126 -1.34 2.06 6.52
N PRO B 127 -1.58 0.87 7.08
CA PRO B 127 -2.93 0.56 7.54
C PRO B 127 -3.22 1.48 8.72
N GLU B 128 -4.50 1.73 9.01
CA GLU B 128 -4.85 2.60 10.13
C GLU B 128 -4.35 4.02 9.84
N LEU B 129 -4.47 4.42 8.58
CA LEU B 129 -4.05 5.75 8.15
C LEU B 129 -5.30 6.51 7.75
N LEU B 130 -6.45 5.87 7.90
CA LEU B 130 -7.73 6.47 7.54
C LEU B 130 -8.59 6.99 8.73
N GLU B 131 -7.95 7.47 9.81
CA GLU B 131 -8.69 7.96 11.00
C GLU B 131 -8.07 9.09 11.75
N GLY B 132 -8.86 9.59 12.70
CA GLY B 132 -8.47 10.71 13.54
C GLY B 132 -8.09 11.65 12.44
N VAL B 133 -8.68 12.83 12.34
CA VAL B 133 -8.31 13.64 11.19
C VAL B 133 -8.37 15.07 11.59
N LYS B 134 -7.24 15.77 11.59
CA LYS B 134 -7.53 17.04 12.14
C LYS B 134 -8.15 18.11 11.29
N LEU B 135 -8.73 19.02 12.04
CA LEU B 135 -9.39 20.08 11.39
C LEU B 135 -9.13 21.36 12.14
N GLU B 136 -9.58 22.45 11.51
CA GLU B 136 -9.53 23.78 12.09
C GLU B 136 -9.16 24.99 11.21
N MSE C 1 9.11 19.72 32.56
CA MSE C 1 7.86 19.15 33.15
C MSE C 1 7.83 17.63 33.08
O MSE C 1 8.33 17.02 32.15
CB MSE C 1 6.63 19.72 32.45
CG MSE C 1 5.31 18.96 32.66
SE MSE C 1 4.73 18.56 34.49
CE MSE C 1 5.15 20.27 35.34
N ASN C 2 7.23 17.02 34.12
CA ASN C 2 7.08 15.57 34.19
C ASN C 2 6.15 15.24 33.03
N THR C 3 6.72 15.09 31.85
CA THR C 3 5.93 14.79 30.68
C THR C 3 6.68 13.79 29.81
N ALA C 4 7.88 13.45 30.25
CA ALA C 4 8.75 12.50 29.55
C ALA C 4 8.22 11.08 29.63
N TYR C 5 8.29 10.36 28.52
CA TYR C 5 7.83 9.00 28.47
C TYR C 5 8.38 8.34 27.22
N ARG C 6 8.11 7.04 27.08
CA ARG C 6 8.53 6.29 25.91
C ARG C 6 7.68 5.02 25.80
N VAL C 7 7.35 4.65 24.57
CA VAL C 7 6.54 3.48 24.33
C VAL C 7 7.24 2.43 23.48
N TRP C 8 7.01 1.18 23.83
CA TRP C 8 7.55 0.04 23.10
C TRP C 8 6.32 -0.62 22.50
N ASP C 9 6.04 -0.32 21.24
CA ASP C 9 4.87 -0.86 20.56
C ASP C 9 4.94 -2.36 20.35
N GLY C 10 6.09 -2.93 20.68
CA GLY C 10 6.29 -4.37 20.52
C GLY C 10 7.46 -4.68 19.60
N GLU C 11 7.56 -3.93 18.51
CA GLU C 11 8.62 -4.14 17.54
C GLU C 11 9.75 -3.16 17.80
N GLN C 12 9.40 -1.91 18.14
CA GLN C 12 10.43 -0.91 18.41
C GLN C 12 10.06 0.17 19.44
N MSE C 13 11.06 0.93 19.87
CA MSE C 13 10.90 1.99 20.88
C MSE C 13 10.41 3.33 20.32
O MSE C 13 10.72 3.70 19.18
CB MSE C 13 12.23 2.21 21.59
CG MSE C 13 12.11 2.93 22.92
SE MSE C 13 11.05 1.89 24.15
CE MSE C 13 12.45 0.89 25.03
N HIS C 14 9.66 4.05 21.14
CA HIS C 14 9.13 5.37 20.77
C HIS C 14 9.35 6.35 21.93
N TYR C 15 9.96 7.49 21.62
CA TYR C 15 10.22 8.49 22.64
C TYR C 15 9.32 9.72 22.54
N TRP C 16 8.76 10.12 23.68
CA TRP C 16 7.86 11.26 23.80
C TRP C 16 8.20 12.46 22.93
N ASP C 17 9.48 12.62 22.61
CA ASP C 17 9.87 13.77 21.80
C ASP C 17 10.13 13.52 20.32
N ASP C 18 9.91 12.30 19.84
CA ASP C 18 10.08 12.07 18.40
C ASP C 18 9.02 12.95 17.77
N GLU C 19 9.23 13.39 16.54
CA GLU C 19 8.24 14.25 15.89
C GLU C 19 6.86 13.61 15.74
N GLY C 20 5.83 14.43 15.81
CA GLY C 20 4.46 13.97 15.62
C GLY C 20 3.82 13.01 16.62
N LEU C 21 4.59 12.43 17.53
CA LEU C 21 4.02 11.51 18.50
C LEU C 21 3.22 12.24 19.56
N SER C 22 2.19 11.58 20.08
CA SER C 22 1.37 12.17 21.14
C SER C 22 0.77 11.03 21.95
N LEU C 23 0.81 11.14 23.27
CA LEU C 23 0.25 10.10 24.13
C LEU C 23 -1.08 10.60 24.68
N ILE C 24 -2.04 9.70 24.79
CA ILE C 24 -3.36 10.04 25.29
C ILE C 24 -3.77 9.04 26.36
N ILE C 25 -4.07 9.53 27.55
CA ILE C 25 -4.48 8.64 28.62
C ILE C 25 -5.98 8.79 28.81
N LYS C 26 -6.68 7.65 28.83
CA LYS C 26 -8.13 7.66 29.00
C LYS C 26 -8.59 7.50 30.45
N SER C 27 -9.84 7.89 30.69
CA SER C 27 -10.45 7.83 32.02
C SER C 27 -10.44 6.43 32.62
N ASN C 28 -10.65 5.43 31.78
CA ASN C 28 -10.66 4.09 32.32
C ASN C 28 -9.24 3.69 32.70
N GLY C 29 -8.26 4.41 32.17
CA GLY C 29 -6.88 4.11 32.49
C GLY C 29 -6.02 3.71 31.30
N ASP C 30 -6.67 3.33 30.21
CA ASP C 30 -5.97 2.92 28.99
C ASP C 30 -5.16 4.06 28.39
N TRP C 31 -4.11 3.72 27.66
CA TRP C 31 -3.29 4.71 26.98
C TRP C 31 -3.26 4.36 25.51
N THR C 32 -2.93 5.33 24.66
CA THR C 32 -2.88 5.12 23.22
C THR C 32 -1.87 6.04 22.56
N LEU C 33 -0.76 5.48 22.09
CA LEU C 33 0.24 6.31 21.43
C LEU C 33 -0.25 6.68 20.04
N LYS C 34 -0.06 7.94 19.66
CA LYS C 34 -0.49 8.42 18.35
C LYS C 34 0.53 9.32 17.67
N ARG C 35 0.40 9.45 16.36
CA ARG C 35 1.28 10.29 15.57
C ARG C 35 0.43 10.87 14.46
N LEU C 36 0.75 12.08 14.03
CA LEU C 36 0.02 12.72 12.94
C LEU C 36 0.81 12.50 11.66
N TYR C 37 0.15 11.99 10.61
CA TYR C 37 0.81 11.74 9.33
C TYR C 37 0.66 12.97 8.43
N THR C 38 -0.41 13.00 7.64
CA THR C 38 -0.67 14.14 6.77
C THR C 38 -1.15 15.22 7.74
N ASP C 39 -2.33 14.99 8.30
CA ASP C 39 -2.95 15.87 9.27
C ASP C 39 -4.04 15.03 9.93
N VAL C 40 -3.77 13.74 9.97
CA VAL C 40 -4.68 12.77 10.57
C VAL C 40 -3.90 12.05 11.66
N LEU C 41 -4.44 12.03 12.87
CA LEU C 41 -3.77 11.35 13.97
C LEU C 41 -3.85 9.86 13.67
N VAL C 42 -2.69 9.21 13.57
CA VAL C 42 -2.63 7.78 13.27
C VAL C 42 -2.16 6.93 14.45
N PRO C 43 -2.97 5.95 14.84
CA PRO C 43 -2.68 5.03 15.95
C PRO C 43 -1.38 4.27 15.75
N VAL C 44 -0.46 4.37 16.71
CA VAL C 44 0.82 3.67 16.65
C VAL C 44 0.73 2.39 17.47
N VAL C 45 0.03 2.45 18.60
CA VAL C 45 -0.16 1.30 19.46
C VAL C 45 -0.91 1.78 20.71
N ASP C 46 -1.46 0.86 21.50
CA ASP C 46 -2.19 1.25 22.71
C ASP C 46 -2.21 0.18 23.81
N SER C 47 -2.48 0.63 25.03
CA SER C 47 -2.52 -0.22 26.21
C SER C 47 -3.18 -1.59 26.09
N THR C 48 -4.01 -1.79 25.08
CA THR C 48 -4.67 -3.09 24.93
C THR C 48 -3.67 -4.13 24.46
N ASN C 49 -2.78 -3.72 23.57
CA ASN C 49 -1.76 -4.62 23.05
C ASN C 49 -0.93 -5.16 24.22
N ARG C 50 -0.90 -6.49 24.35
CA ARG C 50 -0.18 -7.15 25.42
C ARG C 50 1.34 -7.02 25.34
N ASN C 51 1.87 -6.72 24.16
CA ASN C 51 3.32 -6.55 24.00
C ASN C 51 3.79 -5.13 24.29
N ALA C 52 2.99 -4.15 23.85
CA ALA C 52 3.33 -2.74 24.06
C ALA C 52 3.56 -2.44 25.55
N ALA C 53 4.23 -1.32 25.82
CA ALA C 53 4.50 -0.94 27.21
C ALA C 53 4.80 0.54 27.38
N LEU C 54 4.31 1.12 28.46
CA LEU C 54 4.55 2.54 28.73
C LEU C 54 5.46 2.75 29.93
N MSE C 55 6.55 3.47 29.72
CA MSE C 55 7.49 3.77 30.78
C MSE C 55 7.74 5.27 30.85
O MSE C 55 8.03 5.92 29.83
CB MSE C 55 8.78 3.00 30.54
CG MSE C 55 9.12 2.85 29.07
SE MSE C 55 10.02 1.18 28.61
CE MSE C 55 9.26 0.06 30.03
N TRP C 56 7.62 5.81 32.06
CA TRP C 56 7.82 7.24 32.26
C TRP C 56 9.28 7.60 32.54
N GLY C 57 9.59 8.86 32.24
CA GLY C 57 10.94 9.35 32.47
C GLY C 57 11.03 10.05 33.80
N ALA C 58 12.25 10.40 34.20
CA ALA C 58 12.46 11.09 35.46
C ALA C 58 13.73 11.90 35.37
N LYS C 59 13.61 13.20 35.56
CA LYS C 59 14.78 14.05 35.51
C LYS C 59 15.64 13.74 36.75
N VAL C 60 16.87 13.34 36.51
CA VAL C 60 17.80 13.04 37.59
C VAL C 60 19.22 13.11 37.02
N ARG C 61 20.05 13.92 37.66
CA ARG C 61 21.44 14.12 37.25
C ARG C 61 21.46 14.93 35.94
N GLY C 62 20.33 15.55 35.63
CA GLY C 62 20.26 16.36 34.43
C GLY C 62 19.59 15.72 33.23
N LYS C 63 19.63 14.39 33.15
CA LYS C 63 19.00 13.74 32.01
C LYS C 63 17.79 12.92 32.45
N PHE C 64 17.07 12.39 31.46
CA PHE C 64 15.88 11.58 31.73
C PHE C 64 16.21 10.11 31.76
N ILE C 65 15.91 9.48 32.88
CA ILE C 65 16.12 8.05 33.02
C ILE C 65 14.72 7.47 32.96
N TYR C 66 14.53 6.42 32.18
CA TYR C 66 13.22 5.81 32.07
C TYR C 66 13.16 4.51 32.84
N ASP C 67 11.95 4.04 33.05
CA ASP C 67 11.73 2.81 33.79
C ASP C 67 12.09 1.63 32.90
N ARG C 68 12.58 0.57 33.54
CA ARG C 68 12.97 -0.63 32.84
C ARG C 68 14.21 -0.40 32.00
N SER C 69 15.04 0.53 32.43
CA SER C 69 16.28 0.78 31.71
C SER C 69 17.39 -0.07 32.32
N ILE C 70 18.31 -0.52 31.48
CA ILE C 70 19.45 -1.29 31.96
C ILE C 70 20.49 -0.20 32.19
N VAL C 71 21.11 -0.20 33.36
CA VAL C 71 22.07 0.84 33.63
C VAL C 71 23.31 0.23 34.28
N LYS C 72 24.45 0.90 34.13
CA LYS C 72 25.69 0.41 34.73
C LYS C 72 26.12 1.29 35.89
N ILE C 73 26.01 0.75 37.10
CA ILE C 73 26.40 1.50 38.29
C ILE C 73 27.82 1.11 38.67
N THR C 74 28.69 2.12 38.67
CA THR C 74 30.09 1.95 39.03
C THR C 74 30.46 3.01 40.06
N SER C 75 31.05 2.56 41.15
CA SER C 75 31.42 3.47 42.23
C SER C 75 32.57 4.39 41.89
N ASP C 76 32.87 5.28 42.82
CA ASP C 76 33.95 6.23 42.64
C ASP C 76 35.30 5.55 42.88
N ASP C 77 35.30 4.55 43.74
CA ASP C 77 36.56 3.85 44.01
C ASP C 77 37.13 3.14 42.76
N LYS C 78 36.18 2.84 41.88
CA LYS C 78 36.36 2.14 40.65
C LYS C 78 36.72 0.65 40.68
N GLU C 79 36.30 0.04 41.77
CA GLU C 79 36.46 -1.43 41.86
C GLU C 79 35.17 -2.27 42.05
N SER C 80 34.06 -1.57 42.25
CA SER C 80 32.73 -2.13 42.49
C SER C 80 31.78 -1.60 41.40
N SER C 81 31.32 -2.49 40.52
CA SER C 81 30.41 -2.09 39.43
C SER C 81 29.21 -3.01 39.39
N ASP C 82 28.31 -2.77 38.44
CA ASP C 82 27.13 -3.61 38.29
C ASP C 82 26.19 -3.15 37.18
N VAL C 83 25.43 -4.10 36.66
CA VAL C 83 24.44 -3.83 35.63
C VAL C 83 23.11 -4.11 36.35
N CYS C 84 22.30 -3.08 36.50
CA CYS C 84 21.02 -3.25 37.18
C CYS C 84 19.90 -2.64 36.38
N GLU C 85 18.68 -3.03 36.70
CA GLU C 85 17.53 -2.50 35.99
C GLU C 85 16.90 -1.38 36.81
N VAL C 86 16.44 -0.35 36.12
CA VAL C 86 15.77 0.76 36.77
C VAL C 86 14.29 0.38 36.78
N LYS C 87 13.69 0.34 37.96
CA LYS C 87 12.27 -0.02 38.07
C LYS C 87 11.56 1.10 38.82
N PHE C 88 10.46 1.58 38.24
CA PHE C 88 9.68 2.62 38.88
C PHE C 88 8.63 1.89 39.71
N SER C 89 8.85 1.82 41.02
CA SER C 89 7.94 1.14 41.93
C SER C 89 7.88 1.82 43.29
N ASP C 90 6.68 1.89 43.87
CA ASP C 90 6.45 2.54 45.16
C ASP C 90 6.69 4.05 45.08
N GLY C 91 6.52 4.61 43.88
CA GLY C 91 6.71 6.04 43.71
C GLY C 91 8.15 6.45 43.61
N VAL C 92 9.03 5.50 43.35
CA VAL C 92 10.45 5.84 43.21
C VAL C 92 11.18 4.98 42.19
N PHE C 93 12.03 5.63 41.39
CA PHE C 93 12.84 4.94 40.39
C PHE C 93 14.02 4.39 41.19
N GLN C 94 14.04 3.08 41.35
CA GLN C 94 15.08 2.42 42.13
C GLN C 94 15.93 1.41 41.34
N VAL C 95 16.97 0.91 41.99
CA VAL C 95 17.90 -0.05 41.41
C VAL C 95 18.59 -0.87 42.49
N ASP C 96 19.07 -2.06 42.11
CA ASP C 96 19.76 -2.91 43.07
C ASP C 96 21.07 -2.18 43.36
N VAL C 97 21.49 -2.12 44.62
CA VAL C 97 22.71 -1.37 44.86
C VAL C 97 23.76 -1.97 45.80
N SER C 98 24.25 -3.18 45.49
CA SER C 98 25.28 -3.83 46.31
C SER C 98 26.63 -3.12 46.07
N LYS C 99 26.77 -1.94 46.67
CA LYS C 99 27.97 -1.12 46.57
C LYS C 99 27.92 0.05 47.55
N ASP C 103 25.49 -0.88 53.09
CA ASP C 103 24.52 -0.02 53.76
C ASP C 103 23.12 -0.13 53.15
N TYR C 104 23.05 -0.35 51.84
CA TYR C 104 21.78 -0.48 51.11
C TYR C 104 21.86 -1.58 50.06
N ASP C 105 20.70 -2.11 49.67
CA ASP C 105 20.65 -3.15 48.65
C ASP C 105 19.61 -2.72 47.61
N VAL C 106 19.08 -1.50 47.80
CA VAL C 106 18.10 -0.87 46.92
C VAL C 106 18.01 0.60 47.32
N THR C 107 17.94 1.49 46.34
CA THR C 107 17.86 2.93 46.61
C THR C 107 17.32 3.69 45.41
N ALA C 108 17.19 5.00 45.55
CA ALA C 108 16.70 5.82 44.46
C ALA C 108 17.82 6.03 43.46
N VAL C 109 17.50 5.85 42.17
CA VAL C 109 18.49 6.03 41.09
C VAL C 109 19.17 7.40 41.19
N GLY C 110 18.46 8.37 41.74
CA GLY C 110 19.03 9.70 41.90
C GLY C 110 19.64 9.95 43.26
N TRP C 111 19.68 8.92 44.09
CA TRP C 111 20.24 9.05 45.44
C TRP C 111 21.43 8.15 45.66
N VAL C 112 21.88 7.48 44.61
CA VAL C 112 23.02 6.60 44.75
C VAL C 112 24.19 7.47 45.14
N GLU C 113 24.76 7.21 46.31
CA GLU C 113 25.90 7.99 46.82
C GLU C 113 27.25 7.38 46.42
N TYR C 114 28.23 8.27 46.26
CA TYR C 114 29.60 7.90 45.89
C TYR C 114 29.69 6.94 44.72
N ALA C 115 28.88 7.16 43.69
CA ALA C 115 28.88 6.30 42.53
C ALA C 115 28.46 7.04 41.27
N THR C 116 28.62 6.39 40.13
CA THR C 116 28.24 6.99 38.86
C THR C 116 27.24 6.08 38.15
N ILE C 117 26.41 6.66 37.30
CA ILE C 117 25.39 5.91 36.59
C ILE C 117 25.24 6.37 35.15
N GLU C 118 25.41 5.45 34.21
CA GLU C 118 25.22 5.78 32.80
C GLU C 118 24.31 4.74 32.16
N VAL C 119 23.31 5.22 31.44
CA VAL C 119 22.35 4.33 30.78
C VAL C 119 23.03 3.57 29.67
N ILE C 120 22.77 2.27 29.61
CA ILE C 120 23.37 1.43 28.57
C ILE C 120 22.31 0.62 27.82
N GLY C 121 21.05 1.01 27.98
CA GLY C 121 19.97 0.32 27.29
C GLY C 121 18.73 0.06 28.14
N ASP C 122 17.87 -0.83 27.66
CA ASP C 122 16.64 -1.20 28.36
C ASP C 122 16.33 -2.69 28.14
N VAL C 123 15.44 -3.24 28.95
CA VAL C 123 15.09 -4.65 28.87
C VAL C 123 14.37 -5.03 27.59
N TYR C 124 13.83 -4.04 26.87
CA TYR C 124 13.13 -4.32 25.61
C TYR C 124 14.08 -4.39 24.40
N GLN C 125 15.19 -3.67 24.48
CA GLN C 125 16.15 -3.65 23.37
C GLN C 125 17.52 -4.25 23.74
N ASN C 126 17.70 -4.62 25.01
CA ASN C 126 18.98 -5.19 25.43
C ASN C 126 18.90 -6.09 26.65
N PRO C 127 18.33 -7.30 26.51
CA PRO C 127 18.29 -8.15 27.71
C PRO C 127 19.71 -8.63 28.03
N GLU C 128 20.50 -7.75 28.65
CA GLU C 128 21.89 -8.03 28.99
C GLU C 128 22.16 -7.93 30.49
N LEU C 129 21.15 -8.23 31.30
CA LEU C 129 21.31 -8.16 32.74
C LEU C 129 22.14 -9.30 33.33
N LEU C 130 22.92 -9.99 32.49
CA LEU C 130 23.76 -11.10 32.94
C LEU C 130 25.00 -11.23 32.06
N GLU C 131 26.16 -10.88 32.62
CA GLU C 131 27.43 -10.94 31.89
C GLU C 131 27.89 -12.37 31.60
#